data_3MS9
#
_entry.id   3MS9
#
_cell.length_a   115.783
_cell.length_b   147.346
_cell.length_c   152.833
_cell.angle_alpha   90.00
_cell.angle_beta   90.00
_cell.angle_gamma   90.00
#
_symmetry.space_group_name_H-M   'F 2 2 2'
#
loop_
_entity.id
_entity.type
_entity.pdbx_description
1 polymer 'Tyrosine-protein kinase ABL1'
2 non-polymer 4-(4-METHYL-PIPERAZIN-1-YLMETHYL)-N-[4-METHYL-3-(4-PYRIDIN-3-YL-PYRIMIDIN-2-YLAMINO)-PHENYL]-BENZAMIDE
3 non-polymer 'methyl 2-amino-4-chlorobenzoate'
4 non-polymer 'CHLORIDE ION'
5 water water
#
_entity_poly.entity_id   1
_entity_poly.type   'polypeptide(L)'
_entity_poly.pdbx_seq_one_letter_code
;GAMDPSSPNYDKWEMERTDITMKHKLGGGQYGEVYEGVWKKYSLTVAVKTLKEDTMEVEEFLKEAAVMKEIKHPNLVQLL
GVCTREPPFYIITEFMTYGNLLDYLRECNRQEVSAVVLLYMATQISSAMEYLEKKNFIHRDLAARNCLVGENHLVKVADF
GLSRLMTGDTYTAHAGAKFPIKWTAPESLAYNKFSIKSDVWAFGVLLWEIATYGMSPYPGIDLSQVYELLEKDYRMERPE
GCPEKVYELMRACWQWNPSDRPSFAEIHQAFETMFQESSISDEVEKELGKRGT
;
_entity_poly.pdbx_strand_id   A,B
#
# COMPACT_ATOMS: atom_id res chain seq x y z
N ALA A 2 43.84 -10.98 -26.88
CA ALA A 2 43.62 -12.41 -27.15
C ALA A 2 44.96 -13.17 -27.18
N MET A 3 44.88 -14.37 -26.66
CA MET A 3 46.01 -15.20 -26.31
C MET A 3 46.35 -16.06 -27.53
N ASP A 4 47.56 -16.62 -27.49
CA ASP A 4 48.05 -17.53 -28.52
C ASP A 4 47.95 -18.98 -27.97
N PRO A 5 47.33 -19.87 -28.73
CA PRO A 5 47.09 -21.23 -28.27
C PRO A 5 48.42 -22.00 -28.09
N PRO A 8 49.75 -22.83 -22.88
CA PRO A 8 50.49 -21.79 -22.25
C PRO A 8 49.50 -20.89 -21.54
N ASN A 9 48.65 -21.50 -20.71
CA ASN A 9 47.57 -20.85 -19.94
C ASN A 9 46.47 -20.22 -20.84
N TYR A 10 46.22 -20.85 -21.98
CA TYR A 10 45.33 -20.28 -22.96
C TYR A 10 43.91 -20.23 -22.35
N ASP A 11 43.26 -19.11 -22.57
CA ASP A 11 41.81 -18.99 -22.21
C ASP A 11 41.17 -18.32 -23.38
N LYS A 12 40.31 -19.04 -24.07
CA LYS A 12 39.76 -18.56 -25.33
C LYS A 12 38.91 -17.29 -25.11
N TRP A 13 38.64 -17.00 -23.84
CA TRP A 13 37.68 -15.89 -23.53
C TRP A 13 38.40 -14.57 -23.36
N GLU A 14 39.72 -14.65 -23.15
CA GLU A 14 40.55 -13.46 -22.93
C GLU A 14 40.64 -12.63 -24.19
N MET A 15 40.37 -11.34 -24.05
CA MET A 15 40.45 -10.47 -25.21
C MET A 15 41.31 -9.26 -24.99
N GLU A 16 41.59 -8.57 -26.09
CA GLU A 16 42.38 -7.36 -26.09
C GLU A 16 41.52 -6.20 -25.62
N ARG A 17 41.79 -5.76 -24.41
CA ARG A 17 41.16 -4.57 -23.85
C ARG A 17 41.03 -3.43 -24.89
N THR A 18 42.10 -3.21 -25.70
CA THR A 18 42.13 -2.15 -26.74
C THR A 18 41.13 -2.27 -27.89
N ASP A 19 40.57 -3.46 -28.08
CA ASP A 19 39.53 -3.69 -29.10
C ASP A 19 38.23 -2.95 -28.72
N ILE A 20 38.09 -2.60 -27.45
CA ILE A 20 36.82 -1.99 -26.96
C ILE A 20 36.91 -0.49 -26.67
N THR A 21 36.05 0.32 -27.31
CA THR A 21 35.96 1.74 -26.97
C THR A 21 34.98 1.85 -25.80
N MET A 22 35.44 2.33 -24.65
CA MET A 22 34.61 2.50 -23.46
C MET A 22 33.89 3.83 -23.48
N LYS A 23 32.56 3.79 -23.38
CA LYS A 23 31.84 5.02 -23.27
C LYS A 23 31.39 5.23 -21.82
N HIS A 24 30.19 5.79 -21.65
CA HIS A 24 29.68 6.24 -20.36
C HIS A 24 29.11 5.02 -19.61
N LYS A 25 28.98 5.18 -18.29
CA LYS A 25 28.22 4.29 -17.40
C LYS A 25 26.83 4.01 -17.93
N LEU A 26 26.41 2.76 -17.80
CA LEU A 26 25.16 2.33 -18.36
C LEU A 26 23.99 2.62 -17.42
N GLY A 27 22.80 2.83 -18.02
CA GLY A 27 21.55 3.05 -17.28
C GLY A 27 21.63 4.05 -16.14
N GLY A 28 22.25 5.20 -16.41
CA GLY A 28 22.44 6.26 -15.42
C GLY A 28 23.18 5.88 -14.14
N GLY A 29 23.99 4.82 -14.19
CA GLY A 29 24.70 4.38 -12.98
C GLY A 29 23.99 3.38 -12.07
N GLN A 30 22.80 2.94 -12.48
CA GLN A 30 22.03 1.94 -11.71
C GLN A 30 22.71 0.55 -11.63
N TYR A 31 23.72 0.30 -12.47
CA TYR A 31 24.35 -1.05 -12.53
C TYR A 31 25.71 -1.16 -11.87
N GLY A 32 26.13 -0.06 -11.27
CA GLY A 32 27.46 0.03 -10.72
C GLY A 32 28.41 0.32 -11.85
N GLU A 33 29.59 -0.25 -11.73
CA GLU A 33 30.65 -0.10 -12.71
C GLU A 33 30.36 -0.93 -13.97
N VAL A 34 29.26 -0.61 -14.66
CA VAL A 34 29.00 -1.19 -15.97
C VAL A 34 28.91 -0.08 -16.99
N TYR A 35 29.61 -0.28 -18.13
CA TYR A 35 29.77 0.71 -19.22
C TYR A 35 29.25 0.24 -20.54
N GLU A 36 28.72 1.15 -21.32
CA GLU A 36 28.44 0.90 -22.73
C GLU A 36 29.78 0.90 -23.45
N GLY A 37 29.94 0.00 -24.41
CA GLY A 37 31.17 -0.19 -25.17
C GLY A 37 30.89 -0.43 -26.62
N VAL A 38 31.90 -0.18 -27.47
CA VAL A 38 31.85 -0.64 -28.83
C VAL A 38 33.07 -1.55 -29.08
N TRP A 39 32.76 -2.77 -29.47
CA TRP A 39 33.77 -3.69 -29.89
C TRP A 39 34.03 -3.38 -31.36
N LYS A 40 35.02 -2.48 -31.57
CA LYS A 40 35.23 -1.70 -32.83
C LYS A 40 35.24 -2.56 -34.08
N LYS A 41 35.94 -3.68 -33.94
CA LYS A 41 36.24 -4.63 -34.99
C LYS A 41 35.03 -5.46 -35.42
N TYR A 42 34.00 -5.54 -34.58
CA TYR A 42 32.71 -6.09 -35.02
C TYR A 42 31.64 -5.03 -35.21
N SER A 43 32.00 -3.76 -34.96
CA SER A 43 31.06 -2.62 -34.96
C SER A 43 29.89 -2.87 -33.98
N LEU A 44 30.20 -3.39 -32.81
CA LEU A 44 29.10 -3.99 -32.00
C LEU A 44 29.05 -3.35 -30.61
N THR A 45 27.84 -2.91 -30.23
CA THR A 45 27.70 -2.26 -28.95
C THR A 45 27.67 -3.37 -27.88
N VAL A 46 28.38 -3.20 -26.76
CA VAL A 46 28.46 -4.23 -25.75
C VAL A 46 28.31 -3.60 -24.40
N ALA A 47 28.07 -4.44 -23.38
CA ALA A 47 28.04 -4.03 -22.03
C ALA A 47 29.33 -4.53 -21.39
N VAL A 48 29.97 -3.68 -20.60
CA VAL A 48 31.29 -4.02 -20.01
C VAL A 48 31.29 -3.74 -18.54
N LYS A 49 31.32 -4.79 -17.74
CA LYS A 49 31.46 -4.66 -16.27
C LYS A 49 32.90 -4.65 -15.84
N THR A 50 33.25 -3.71 -14.98
CA THR A 50 34.63 -3.54 -14.57
C THR A 50 34.88 -3.48 -13.05
N LEU A 51 36.15 -3.58 -12.68
CA LEU A 51 36.58 -3.52 -11.29
C LEU A 51 37.91 -2.78 -11.21
N VAL A 58 37.92 -9.07 -5.46
CA VAL A 58 38.37 -9.63 -6.75
C VAL A 58 37.90 -11.08 -6.95
N GLU A 59 37.88 -11.86 -5.88
CA GLU A 59 37.45 -13.25 -5.92
C GLU A 59 36.05 -13.39 -6.48
N GLU A 60 35.16 -12.53 -6.00
CA GLU A 60 33.77 -12.49 -6.44
C GLU A 60 33.69 -12.27 -7.97
N PHE A 61 34.47 -11.31 -8.46
CA PHE A 61 34.43 -10.87 -9.84
C PHE A 61 34.96 -12.00 -10.73
N LEU A 62 36.04 -12.64 -10.30
CA LEU A 62 36.63 -13.76 -11.10
C LEU A 62 35.77 -15.02 -10.97
N LYS A 63 35.14 -15.22 -9.83
CA LYS A 63 34.21 -16.33 -9.71
C LYS A 63 33.01 -16.12 -10.66
N GLU A 64 32.56 -14.86 -10.75
CA GLU A 64 31.41 -14.58 -11.69
C GLU A 64 31.81 -14.86 -13.14
N ALA A 65 32.96 -14.36 -13.54
CA ALA A 65 33.46 -14.63 -14.89
C ALA A 65 33.56 -16.11 -15.15
N ALA A 66 34.14 -16.86 -14.19
CA ALA A 66 34.18 -18.33 -14.30
C ALA A 66 32.86 -19.03 -14.50
N VAL A 67 31.82 -18.59 -13.77
CA VAL A 67 30.51 -19.15 -13.92
C VAL A 67 29.92 -18.90 -15.30
N MET A 68 30.11 -17.69 -15.82
CA MET A 68 29.53 -17.25 -17.09
C MET A 68 30.13 -18.06 -18.26
N LYS A 69 31.36 -18.54 -18.06
CA LYS A 69 32.02 -19.36 -19.09
C LYS A 69 31.39 -20.75 -19.19
N GLU A 70 30.66 -21.14 -18.13
CA GLU A 70 30.03 -22.45 -18.08
CA GLU A 70 30.00 -22.44 -18.05
C GLU A 70 28.58 -22.40 -18.54
N ILE A 71 28.07 -21.20 -18.79
CA ILE A 71 26.66 -21.13 -19.21
C ILE A 71 26.37 -20.53 -20.56
N LYS A 72 25.45 -21.19 -21.25
CA LYS A 72 25.05 -20.78 -22.59
C LYS A 72 23.61 -21.16 -22.90
N HIS A 73 22.78 -20.17 -23.17
CA HIS A 73 21.37 -20.39 -23.42
C HIS A 73 20.83 -19.21 -24.19
N PRO A 74 19.90 -19.42 -25.09
CA PRO A 74 19.40 -18.30 -25.88
C PRO A 74 18.70 -17.26 -24.96
N ASN A 75 18.31 -17.68 -23.73
CA ASN A 75 17.59 -16.69 -22.81
C ASN A 75 18.39 -16.37 -21.54
N LEU A 76 19.71 -16.63 -21.59
CA LEU A 76 20.63 -16.09 -20.60
C LEU A 76 21.58 -15.11 -21.23
N VAL A 77 21.81 -13.96 -20.61
CA VAL A 77 22.61 -12.92 -21.25
C VAL A 77 24.03 -13.56 -21.62
N GLN A 78 24.47 -13.29 -22.84
CA GLN A 78 25.60 -14.04 -23.41
C GLN A 78 26.95 -13.35 -23.10
N LEU A 79 27.83 -14.10 -22.49
CA LEU A 79 29.18 -13.61 -22.24
C LEU A 79 29.88 -13.57 -23.62
N LEU A 80 30.56 -12.46 -23.91
CA LEU A 80 31.32 -12.34 -25.16
C LEU A 80 32.83 -12.46 -24.92
N GLY A 81 33.28 -12.08 -23.75
CA GLY A 81 34.75 -12.14 -23.47
C GLY A 81 35.10 -11.58 -22.13
N VAL A 82 36.40 -11.65 -21.75
CA VAL A 82 36.84 -11.11 -20.46
C VAL A 82 38.20 -10.47 -20.68
N CYS A 83 38.58 -9.60 -19.78
CA CYS A 83 39.96 -9.14 -19.73
C CYS A 83 40.33 -9.34 -18.25
N THR A 84 40.93 -10.46 -17.91
CA THR A 84 41.28 -10.76 -16.50
C THR A 84 42.73 -11.24 -16.26
N ARG A 85 43.64 -10.79 -17.11
CA ARG A 85 45.05 -11.00 -16.88
C ARG A 85 45.56 -9.91 -15.92
N GLU A 86 45.41 -8.67 -16.37
CA GLU A 86 45.89 -7.48 -15.68
C GLU A 86 44.64 -6.67 -15.33
N PRO A 87 44.66 -5.95 -14.21
CA PRO A 87 43.62 -4.94 -13.96
C PRO A 87 43.75 -3.79 -14.97
N PRO A 88 42.65 -3.02 -15.24
CA PRO A 88 41.31 -3.17 -14.63
C PRO A 88 40.53 -4.30 -15.33
N PHE A 89 39.97 -5.21 -14.54
CA PHE A 89 39.34 -6.42 -15.09
C PHE A 89 38.00 -6.08 -15.81
N TYR A 90 37.73 -6.72 -16.94
CA TYR A 90 36.46 -6.49 -17.67
C TYR A 90 35.75 -7.83 -17.77
N ILE A 91 34.40 -7.83 -17.68
CA ILE A 91 33.60 -8.91 -18.18
C ILE A 91 32.67 -8.33 -19.25
N ILE A 92 32.65 -8.88 -20.44
CA ILE A 92 31.98 -8.22 -21.56
C ILE A 92 30.77 -9.11 -22.01
N THR A 93 29.57 -8.51 -22.09
CA THR A 93 28.49 -9.25 -22.62
C THR A 93 27.79 -8.46 -23.75
N GLU A 94 26.88 -9.15 -24.41
CA GLU A 94 25.98 -8.51 -25.38
C GLU A 94 25.26 -7.29 -24.71
N PHE A 95 24.77 -6.39 -25.53
CA PHE A 95 24.02 -5.23 -25.06
C PHE A 95 22.62 -5.48 -25.52
N MET A 96 21.63 -5.33 -24.64
CA MET A 96 20.24 -5.66 -25.08
C MET A 96 19.47 -4.36 -25.26
N THR A 97 18.92 -4.12 -26.46
CA THR A 97 18.51 -2.78 -26.87
C THR A 97 17.55 -2.04 -25.93
N TYR A 98 16.61 -2.80 -25.37
CA TYR A 98 15.50 -2.21 -24.60
C TYR A 98 15.71 -2.27 -23.09
N GLY A 99 16.86 -2.78 -22.60
CA GLY A 99 17.14 -2.48 -21.19
C GLY A 99 16.45 -3.46 -20.29
N ASN A 100 16.32 -3.10 -18.99
CA ASN A 100 15.83 -4.08 -17.97
C ASN A 100 14.29 -4.22 -18.12
N LEU A 101 13.82 -5.43 -17.81
CA LEU A 101 12.46 -5.83 -18.05
C LEU A 101 11.53 -5.00 -17.16
N LEU A 102 11.95 -4.73 -15.94
CA LEU A 102 10.97 -4.00 -15.07
C LEU A 102 10.59 -2.59 -15.66
N ASP A 103 11.60 -1.84 -16.01
CA ASP A 103 11.39 -0.52 -16.65
C ASP A 103 10.66 -0.67 -17.98
N TYR A 104 10.98 -1.71 -18.76
CA TYR A 104 10.38 -1.99 -20.05
C TYR A 104 8.84 -2.15 -19.86
N LEU A 105 8.45 -2.98 -18.88
CA LEU A 105 7.06 -3.25 -18.66
C LEU A 105 6.32 -1.99 -18.23
N ARG A 106 6.95 -1.19 -17.38
CA ARG A 106 6.36 0.10 -16.88
C ARG A 106 6.18 1.08 -18.04
N GLU A 107 7.12 1.04 -18.96
CA GLU A 107 7.17 2.10 -20.07
C GLU A 107 6.56 1.68 -21.38
N CYS A 108 6.14 0.43 -21.50
CA CYS A 108 5.83 -0.10 -22.81
C CYS A 108 4.50 0.39 -23.41
N ASN A 109 4.38 0.18 -24.69
CA ASN A 109 3.09 0.30 -25.41
C ASN A 109 2.27 -0.93 -25.10
N ARG A 110 1.25 -0.78 -24.27
CA ARG A 110 0.42 -1.99 -23.88
C ARG A 110 -0.42 -2.68 -24.99
N GLN A 111 -0.69 -1.95 -26.07
CA GLN A 111 -1.25 -2.59 -27.24
C GLN A 111 -0.25 -3.52 -27.99
N GLU A 112 1.05 -3.15 -27.97
CA GLU A 112 2.13 -3.95 -28.53
C GLU A 112 2.47 -5.10 -27.60
N VAL A 113 2.67 -4.75 -26.34
CA VAL A 113 3.01 -5.75 -25.30
C VAL A 113 1.71 -6.26 -24.72
N SER A 114 1.05 -7.05 -25.52
CA SER A 114 -0.25 -7.59 -25.24
C SER A 114 -0.18 -8.85 -24.35
N ALA A 115 -1.35 -9.41 -23.98
CA ALA A 115 -1.42 -10.65 -23.23
C ALA A 115 -0.53 -11.75 -23.77
N VAL A 116 -0.50 -11.92 -25.10
CA VAL A 116 0.29 -12.98 -25.65
C VAL A 116 1.79 -12.70 -25.52
N VAL A 117 2.14 -11.42 -25.51
CA VAL A 117 3.56 -11.04 -25.35
C VAL A 117 3.96 -11.36 -23.89
N LEU A 118 3.09 -11.04 -22.95
CA LEU A 118 3.41 -11.41 -21.54
C LEU A 118 3.66 -12.91 -21.42
N LEU A 119 2.80 -13.69 -22.07
CA LEU A 119 2.96 -15.15 -22.07
C LEU A 119 4.34 -15.53 -22.63
N TYR A 120 4.72 -14.91 -23.77
CA TYR A 120 6.04 -15.14 -24.41
C TYR A 120 7.20 -14.78 -23.47
N MET A 121 7.11 -13.64 -22.77
CA MET A 121 8.16 -13.30 -21.81
C MET A 121 8.31 -14.34 -20.72
N ALA A 122 7.19 -14.79 -20.10
CA ALA A 122 7.16 -15.76 -19.00
C ALA A 122 7.82 -17.06 -19.47
N THR A 123 7.48 -17.40 -20.68
CA THR A 123 7.88 -18.67 -21.25
C THR A 123 9.39 -18.64 -21.46
N GLN A 124 9.93 -17.55 -21.98
CA GLN A 124 11.42 -17.43 -22.24
C GLN A 124 12.17 -17.54 -20.92
N ILE A 125 11.65 -16.80 -19.91
CA ILE A 125 12.33 -16.85 -18.62
C ILE A 125 12.33 -18.27 -18.03
N SER A 126 11.22 -18.96 -18.15
CA SER A 126 11.16 -20.29 -17.54
C SER A 126 12.15 -21.20 -18.30
N SER A 127 12.37 -20.85 -19.59
CA SER A 127 13.37 -21.66 -20.37
C SER A 127 14.78 -21.55 -19.84
N ALA A 128 15.19 -20.31 -19.61
CA ALA A 128 16.45 -20.02 -18.99
C ALA A 128 16.54 -20.73 -17.66
N MET A 129 15.45 -20.70 -16.88
CA MET A 129 15.59 -21.27 -15.54
C MET A 129 15.59 -22.81 -15.55
N GLU A 130 14.91 -23.40 -16.52
CA GLU A 130 14.98 -24.87 -16.75
C GLU A 130 16.43 -25.24 -17.04
N TYR A 131 17.11 -24.42 -17.80
CA TYR A 131 18.54 -24.70 -18.17
C TYR A 131 19.42 -24.54 -16.94
N LEU A 132 19.25 -23.46 -16.17
CA LEU A 132 20.04 -23.39 -14.92
C LEU A 132 19.76 -24.55 -14.00
N GLU A 133 18.48 -24.98 -13.93
CA GLU A 133 18.09 -26.11 -13.06
C GLU A 133 18.81 -27.40 -13.48
N LYS A 134 18.83 -27.61 -14.82
CA LYS A 134 19.51 -28.80 -15.42
C LYS A 134 21.03 -28.77 -15.09
N LYS A 135 21.65 -27.58 -15.06
CA LYS A 135 23.13 -27.44 -14.81
C LYS A 135 23.49 -27.36 -13.34
N ASN A 136 22.48 -27.51 -12.49
CA ASN A 136 22.65 -27.46 -11.04
CA ASN A 136 22.64 -27.45 -11.03
C ASN A 136 23.15 -26.11 -10.51
N PHE A 137 22.73 -25.02 -11.19
CA PHE A 137 23.07 -23.66 -10.76
C PHE A 137 21.82 -23.14 -10.03
N ILE A 138 22.06 -22.21 -9.11
CA ILE A 138 20.99 -21.44 -8.38
C ILE A 138 21.16 -19.99 -8.78
N HIS A 139 20.06 -19.30 -9.10
CA HIS A 139 20.25 -17.92 -9.52
C HIS A 139 20.45 -17.05 -8.25
N ARG A 140 19.49 -17.19 -7.32
CA ARG A 140 19.42 -16.52 -6.01
C ARG A 140 18.81 -15.08 -6.03
N ASP A 141 18.68 -14.44 -7.19
CA ASP A 141 18.06 -13.11 -7.18
C ASP A 141 17.19 -12.91 -8.45
N LEU A 142 16.32 -13.85 -8.72
CA LEU A 142 15.47 -13.75 -9.98
C LEU A 142 14.39 -12.68 -9.68
N ALA A 143 14.25 -11.74 -10.61
CA ALA A 143 13.24 -10.67 -10.53
C ALA A 143 13.29 -9.94 -11.88
N ALA A 144 12.25 -9.16 -12.17
CA ALA A 144 12.24 -8.40 -13.39
C ALA A 144 13.40 -7.44 -13.55
N ARG A 145 13.85 -6.81 -12.46
CA ARG A 145 15.01 -5.92 -12.53
C ARG A 145 16.31 -6.62 -13.02
N ASN A 146 16.34 -7.95 -12.93
CA ASN A 146 17.49 -8.80 -13.40
C ASN A 146 17.28 -9.47 -14.74
N CYS A 147 16.29 -8.97 -15.51
CA CYS A 147 16.08 -9.47 -16.88
C CYS A 147 16.24 -8.35 -17.90
N LEU A 148 16.54 -8.69 -19.14
CA LEU A 148 16.83 -7.70 -20.17
C LEU A 148 15.98 -8.03 -21.37
N VAL A 149 15.66 -6.98 -22.10
CA VAL A 149 14.78 -7.04 -23.27
C VAL A 149 15.53 -6.59 -24.53
N GLY A 150 15.43 -7.43 -25.55
CA GLY A 150 15.96 -7.03 -26.88
C GLY A 150 14.91 -6.84 -27.96
N GLU A 151 15.31 -6.85 -29.23
CA GLU A 151 14.31 -6.85 -30.29
C GLU A 151 13.31 -7.99 -30.28
N ASN A 152 12.10 -7.68 -30.74
CA ASN A 152 11.04 -8.65 -30.97
C ASN A 152 10.65 -9.35 -29.64
N HIS A 153 10.65 -8.57 -28.57
CA HIS A 153 10.30 -9.12 -27.24
C HIS A 153 11.21 -10.25 -26.72
N LEU A 154 12.43 -10.29 -27.21
CA LEU A 154 13.37 -11.30 -26.73
C LEU A 154 13.71 -10.93 -25.29
N VAL A 155 13.62 -11.90 -24.39
CA VAL A 155 13.99 -11.65 -22.97
C VAL A 155 15.09 -12.62 -22.52
N LYS A 156 16.05 -12.05 -21.84
CA LYS A 156 17.10 -12.88 -21.19
C LYS A 156 17.20 -12.58 -19.72
N VAL A 157 17.55 -13.64 -19.00
CA VAL A 157 17.81 -13.59 -17.56
C VAL A 157 19.26 -13.21 -17.37
N ALA A 158 19.49 -12.27 -16.46
CA ALA A 158 20.79 -11.85 -16.07
C ALA A 158 20.92 -11.86 -14.53
N ASP A 159 22.07 -11.44 -14.05
CA ASP A 159 22.27 -11.20 -12.59
C ASP A 159 23.23 -10.03 -12.40
N PHE A 160 22.65 -8.84 -12.11
CA PHE A 160 23.46 -7.62 -12.08
C PHE A 160 24.19 -7.33 -10.73
N GLY A 161 24.00 -8.19 -9.76
CA GLY A 161 24.63 -8.01 -8.43
C GLY A 161 24.09 -6.76 -7.78
N LEU A 162 22.77 -6.60 -7.81
CA LEU A 162 22.13 -5.36 -7.42
C LEU A 162 22.02 -5.11 -5.89
N SER A 163 22.22 -6.13 -5.06
CA SER A 163 21.79 -6.03 -3.64
C SER A 163 22.45 -4.86 -2.85
N ARG A 164 23.63 -4.44 -3.28
CA ARG A 164 24.29 -3.25 -2.63
C ARG A 164 24.41 -2.00 -3.51
N LEU A 165 23.87 -2.08 -4.73
CA LEU A 165 23.75 -0.96 -5.62
C LEU A 165 22.33 -0.35 -5.55
N GLY A 168 16.80 2.10 -2.46
CA GLY A 168 15.59 2.08 -1.64
C GLY A 168 15.35 0.80 -0.85
N ASP A 169 14.07 0.44 -0.67
CA ASP A 169 13.73 -0.69 0.19
C ASP A 169 13.62 -1.98 -0.63
N THR A 170 14.01 -1.97 -1.92
CA THR A 170 13.96 -3.25 -2.64
C THR A 170 14.82 -4.28 -1.86
N TYR A 171 16.03 -3.93 -1.47
CA TYR A 171 16.83 -4.85 -0.66
C TYR A 171 16.98 -4.30 0.73
N THR A 172 16.90 -5.15 1.70
CA THR A 172 17.08 -4.66 3.03
C THR A 172 18.05 -5.61 3.75
N ALA A 173 18.79 -5.06 4.70
CA ALA A 173 19.85 -5.77 5.40
C ALA A 173 19.43 -7.07 6.08
N HIS A 174 20.30 -8.06 5.91
CA HIS A 174 20.32 -9.29 6.74
C HIS A 174 21.78 -9.67 6.97
N ALA A 175 22.22 -9.57 8.22
CA ALA A 175 23.64 -9.85 8.50
C ALA A 175 24.67 -9.57 7.38
N GLY A 176 25.02 -8.31 7.13
CA GLY A 176 26.06 -8.02 6.15
C GLY A 176 25.71 -8.68 4.81
N ALA A 177 24.48 -9.21 4.74
CA ALA A 177 23.77 -9.49 3.48
C ALA A 177 22.51 -8.59 3.32
N LYS A 178 22.14 -8.28 2.06
CA LYS A 178 20.94 -7.51 1.84
C LYS A 178 20.06 -8.41 0.94
N PHE A 179 18.82 -8.60 1.32
CA PHE A 179 17.88 -9.56 0.65
C PHE A 179 16.73 -8.78 0.10
N PRO A 180 16.18 -9.22 -1.04
CA PRO A 180 14.95 -8.56 -1.51
C PRO A 180 13.82 -9.30 -0.86
N ILE A 181 13.38 -8.82 0.34
CA ILE A 181 12.38 -9.62 1.08
C ILE A 181 11.19 -10.07 0.30
N LYS A 182 10.62 -9.21 -0.58
CA LYS A 182 9.41 -9.53 -1.25
C LYS A 182 9.58 -10.57 -2.38
N TRP A 183 10.83 -10.93 -2.69
CA TRP A 183 11.10 -12.00 -3.69
C TRP A 183 11.68 -13.26 -3.00
N THR A 184 11.77 -13.25 -1.67
CA THR A 184 12.58 -14.26 -0.96
C THR A 184 11.68 -15.34 -0.35
N ALA A 185 11.99 -16.64 -0.70
CA ALA A 185 11.18 -17.77 -0.24
C ALA A 185 11.22 -17.87 1.34
N PRO A 186 10.16 -18.41 1.94
CA PRO A 186 10.08 -18.46 3.41
C PRO A 186 11.26 -19.22 4.04
N GLU A 187 11.70 -20.37 3.48
CA GLU A 187 12.88 -21.03 4.07
C GLU A 187 14.20 -20.27 3.90
N SER A 188 14.28 -19.38 2.90
CA SER A 188 15.41 -18.51 2.74
C SER A 188 15.37 -17.43 3.81
N LEU A 189 14.20 -16.88 4.07
CA LEU A 189 14.07 -15.84 5.13
C LEU A 189 14.36 -16.44 6.52
N ALA A 190 13.85 -17.65 6.77
CA ALA A 190 13.91 -18.23 8.09
C ALA A 190 15.23 -18.97 8.35
N TYR A 191 15.80 -19.62 7.35
CA TYR A 191 16.95 -20.52 7.56
C TYR A 191 18.14 -20.25 6.69
N ASN A 192 18.08 -19.18 5.90
CA ASN A 192 19.14 -18.85 4.93
C ASN A 192 19.32 -20.01 3.94
N LYS A 193 18.27 -20.77 3.72
CA LYS A 193 18.38 -21.91 2.78
C LYS A 193 17.98 -21.44 1.37
N PHE A 194 18.94 -21.46 0.44
CA PHE A 194 18.66 -21.15 -1.00
C PHE A 194 18.87 -22.40 -1.85
N SER A 195 18.05 -22.53 -2.89
CA SER A 195 18.06 -23.72 -3.77
C SER A 195 17.36 -23.36 -5.05
N ILE A 196 17.33 -24.30 -6.00
CA ILE A 196 16.53 -24.04 -7.17
C ILE A 196 15.07 -23.78 -6.78
N LYS A 197 14.54 -24.44 -5.71
CA LYS A 197 13.15 -24.20 -5.25
C LYS A 197 12.90 -22.76 -4.68
N SER A 198 13.91 -22.14 -4.12
CA SER A 198 13.72 -20.74 -3.73
C SER A 198 13.73 -19.88 -5.01
N ASP A 199 14.46 -20.31 -6.08
CA ASP A 199 14.32 -19.58 -7.38
C ASP A 199 12.93 -19.71 -7.92
N VAL A 200 12.31 -20.90 -7.78
CA VAL A 200 10.97 -21.14 -8.21
C VAL A 200 9.97 -20.19 -7.49
N TRP A 201 10.10 -20.07 -6.19
CA TRP A 201 9.34 -19.00 -5.44
C TRP A 201 9.52 -17.59 -6.08
N ALA A 202 10.72 -17.14 -6.27
CA ALA A 202 11.08 -15.81 -6.87
C ALA A 202 10.45 -15.70 -8.27
N PHE A 203 10.49 -16.81 -9.02
CA PHE A 203 9.90 -16.81 -10.36
C PHE A 203 8.39 -16.51 -10.29
N GLY A 204 7.72 -17.04 -9.30
CA GLY A 204 6.27 -16.73 -9.14
C GLY A 204 6.08 -15.22 -8.92
N VAL A 205 6.91 -14.63 -8.10
CA VAL A 205 6.89 -13.15 -7.91
C VAL A 205 7.14 -12.42 -9.23
N LEU A 206 8.15 -12.90 -9.99
CA LEU A 206 8.41 -12.34 -11.31
C LEU A 206 7.21 -12.42 -12.23
N LEU A 207 6.53 -13.55 -12.28
CA LEU A 207 5.28 -13.66 -13.05
C LEU A 207 4.23 -12.62 -12.66
N TRP A 208 4.13 -12.31 -11.37
CA TRP A 208 3.19 -11.27 -10.89
C TRP A 208 3.68 -9.87 -11.36
N GLU A 209 5.00 -9.65 -11.38
CA GLU A 209 5.55 -8.42 -11.95
C GLU A 209 5.18 -8.31 -13.42
N ILE A 210 5.38 -9.40 -14.18
CA ILE A 210 5.08 -9.34 -15.59
C ILE A 210 3.55 -9.08 -15.77
N ALA A 211 2.71 -9.79 -15.02
CA ALA A 211 1.26 -9.72 -15.15
C ALA A 211 0.68 -8.36 -14.84
N THR A 212 1.36 -7.62 -13.96
CA THR A 212 0.88 -6.23 -13.58
C THR A 212 1.56 -5.10 -14.38
N TYR A 213 2.28 -5.41 -15.50
CA TYR A 213 3.16 -4.43 -16.13
C TYR A 213 4.08 -3.69 -15.12
N GLY A 214 4.68 -4.47 -14.24
CA GLY A 214 5.85 -3.99 -13.46
C GLY A 214 5.45 -3.34 -12.12
N MET A 215 4.29 -3.75 -11.57
CA MET A 215 3.94 -3.17 -10.25
C MET A 215 4.88 -3.76 -9.16
N SER A 216 5.13 -2.99 -8.09
CA SER A 216 5.85 -3.59 -6.90
C SER A 216 4.96 -4.61 -6.22
N PRO A 217 5.53 -5.74 -5.83
CA PRO A 217 4.74 -6.79 -5.13
C PRO A 217 4.43 -6.39 -3.66
N TYR A 218 3.45 -7.07 -3.11
CA TYR A 218 2.86 -6.81 -1.78
C TYR A 218 2.71 -5.29 -1.49
N PRO A 219 1.97 -4.57 -2.36
CA PRO A 219 1.99 -3.08 -2.33
C PRO A 219 1.64 -2.63 -0.91
N GLY A 220 2.44 -1.77 -0.34
CA GLY A 220 2.18 -1.14 1.00
C GLY A 220 2.31 -2.03 2.20
N ILE A 221 2.64 -3.31 1.96
CA ILE A 221 2.81 -4.23 3.04
C ILE A 221 4.16 -4.02 3.71
N ASP A 222 4.14 -3.71 5.01
N ASP A 222 4.08 -3.79 5.02
CA ASP A 222 5.41 -3.55 5.68
CA ASP A 222 5.29 -3.74 5.76
C ASP A 222 6.25 -4.86 5.69
C ASP A 222 6.23 -4.95 5.61
N LEU A 223 7.49 -4.68 5.33
CA LEU A 223 8.47 -5.78 5.15
C LEU A 223 8.55 -6.67 6.37
N SER A 224 8.37 -6.09 7.59
CA SER A 224 8.49 -6.92 8.79
C SER A 224 7.30 -7.81 9.09
N GLN A 225 6.23 -7.71 8.30
CA GLN A 225 5.08 -8.54 8.45
C GLN A 225 4.95 -9.54 7.28
N VAL A 226 5.90 -9.51 6.34
CA VAL A 226 5.80 -10.44 5.16
C VAL A 226 5.88 -11.90 5.56
N TYR A 227 6.96 -12.25 6.24
CA TYR A 227 7.04 -13.64 6.69
C TYR A 227 5.78 -14.17 7.44
N GLU A 228 5.36 -13.39 8.45
N GLU A 228 5.33 -13.43 8.46
CA GLU A 228 4.16 -13.63 9.23
CA GLU A 228 4.15 -13.84 9.21
C GLU A 228 2.94 -13.91 8.39
C GLU A 228 2.93 -13.99 8.33
N LEU A 229 2.67 -13.01 7.46
CA LEU A 229 1.60 -13.22 6.50
C LEU A 229 1.69 -14.50 5.66
N LEU A 230 2.90 -14.77 5.11
CA LEU A 230 3.05 -15.97 4.28
C LEU A 230 2.80 -17.25 5.14
N GLU A 231 3.26 -17.20 6.38
CA GLU A 231 3.12 -18.35 7.30
C GLU A 231 1.66 -18.56 7.57
N LYS A 232 0.87 -17.47 7.56
CA LYS A 232 -0.63 -17.57 7.67
C LYS A 232 -1.38 -17.80 6.37
N ASP A 233 -0.62 -18.18 5.33
N ASP A 233 -0.61 -18.16 5.34
CA ASP A 233 -1.16 -18.57 4.02
CA ASP A 233 -1.13 -18.55 4.04
C ASP A 233 -1.57 -17.38 3.13
C ASP A 233 -1.68 -17.36 3.22
N TYR A 234 -1.20 -16.15 3.50
CA TYR A 234 -1.57 -14.98 2.65
C TYR A 234 -0.74 -15.15 1.36
N ARG A 235 -1.37 -14.95 0.19
CA ARG A 235 -0.57 -14.80 -1.07
C ARG A 235 -1.11 -13.63 -1.84
N MET A 236 -0.30 -13.07 -2.71
CA MET A 236 -0.81 -11.99 -3.56
C MET A 236 -1.94 -12.43 -4.45
N GLU A 237 -2.85 -11.48 -4.73
CA GLU A 237 -4.05 -11.75 -5.48
C GLU A 237 -3.73 -11.86 -6.98
N ARG A 238 -4.68 -12.50 -7.72
CA ARG A 238 -4.52 -12.65 -9.20
C ARG A 238 -4.59 -11.25 -9.86
N PRO A 239 -3.56 -10.86 -10.64
CA PRO A 239 -3.56 -9.57 -11.35
C PRO A 239 -4.71 -9.46 -12.36
N GLU A 240 -5.19 -8.24 -12.58
CA GLU A 240 -6.22 -8.02 -13.61
C GLU A 240 -5.75 -8.59 -14.94
N GLY A 241 -6.61 -9.39 -15.57
CA GLY A 241 -6.28 -9.96 -16.90
C GLY A 241 -5.39 -11.21 -16.90
N CYS A 242 -4.95 -11.66 -15.72
CA CYS A 242 -4.04 -12.80 -15.68
C CYS A 242 -4.89 -14.08 -15.82
N PRO A 243 -4.57 -14.92 -16.79
CA PRO A 243 -5.36 -16.16 -16.98
C PRO A 243 -5.37 -16.97 -15.71
N GLU A 244 -6.49 -17.63 -15.42
CA GLU A 244 -6.49 -18.53 -14.28
C GLU A 244 -5.34 -19.50 -14.25
N LYS A 245 -4.98 -20.10 -15.41
CA LYS A 245 -3.95 -21.15 -15.42
C LYS A 245 -2.58 -20.55 -15.01
N VAL A 246 -2.38 -19.30 -15.38
CA VAL A 246 -1.10 -18.63 -15.09
C VAL A 246 -1.11 -18.34 -13.59
N TYR A 247 -2.25 -17.87 -13.06
CA TYR A 247 -2.31 -17.64 -11.58
C TYR A 247 -2.09 -18.93 -10.81
N GLU A 248 -2.59 -20.09 -11.35
CA GLU A 248 -2.43 -21.36 -10.71
C GLU A 248 -0.96 -21.69 -10.61
N LEU A 249 -0.23 -21.35 -11.65
CA LEU A 249 1.22 -21.60 -11.67
C LEU A 249 1.92 -20.71 -10.66
N MET A 250 1.57 -19.42 -10.63
CA MET A 250 2.08 -18.56 -9.55
C MET A 250 1.89 -19.14 -8.17
N ARG A 251 0.66 -19.61 -7.85
CA ARG A 251 0.39 -20.15 -6.52
C ARG A 251 1.12 -21.42 -6.19
N ALA A 252 1.38 -22.20 -7.26
CA ALA A 252 2.19 -23.38 -7.13
C ALA A 252 3.60 -23.00 -6.80
N CYS A 253 4.11 -21.94 -7.44
CA CYS A 253 5.46 -21.50 -7.12
C CYS A 253 5.58 -21.02 -5.66
N TRP A 254 4.48 -20.54 -5.10
CA TRP A 254 4.44 -20.06 -3.71
C TRP A 254 3.93 -21.09 -2.69
N GLN A 255 4.11 -22.38 -3.00
CA GLN A 255 3.83 -23.37 -1.97
C GLN A 255 4.78 -23.22 -0.83
N TRP A 256 4.26 -23.31 0.42
CA TRP A 256 5.12 -23.10 1.57
C TRP A 256 6.34 -24.05 1.66
N ASN A 257 6.11 -25.35 1.47
CA ASN A 257 7.24 -26.32 1.48
CA ASN A 257 7.29 -26.26 1.49
C ASN A 257 7.93 -26.29 0.11
N PRO A 258 9.23 -26.07 0.05
CA PRO A 258 9.91 -25.98 -1.27
C PRO A 258 9.74 -27.26 -2.09
N SER A 259 9.64 -28.42 -1.41
CA SER A 259 9.46 -29.69 -2.15
C SER A 259 8.10 -29.79 -2.90
N ASP A 260 7.07 -29.02 -2.46
CA ASP A 260 5.80 -28.97 -3.11
C ASP A 260 5.71 -28.09 -4.36
N ARG A 261 6.69 -27.22 -4.53
CA ARG A 261 6.73 -26.32 -5.68
C ARG A 261 7.14 -27.12 -6.97
N PRO A 262 6.62 -26.74 -8.12
CA PRO A 262 7.03 -27.43 -9.39
C PRO A 262 8.50 -27.18 -9.75
N SER A 263 9.09 -28.03 -10.63
CA SER A 263 10.39 -27.76 -11.18
C SER A 263 10.29 -26.74 -12.27
N PHE A 264 11.41 -26.14 -12.68
CA PHE A 264 11.36 -25.28 -13.86
C PHE A 264 11.05 -26.07 -15.16
N ALA A 265 11.50 -27.30 -15.18
CA ALA A 265 11.13 -28.18 -16.32
C ALA A 265 9.59 -28.28 -16.45
N GLU A 266 8.90 -28.53 -15.35
CA GLU A 266 7.44 -28.53 -15.31
C GLU A 266 6.78 -27.22 -15.65
N ILE A 267 7.31 -26.14 -15.07
CA ILE A 267 6.78 -24.84 -15.36
C ILE A 267 6.94 -24.50 -16.86
N HIS A 268 8.14 -24.68 -17.39
CA HIS A 268 8.40 -24.35 -18.79
C HIS A 268 7.45 -25.19 -19.70
N GLN A 269 7.27 -26.46 -19.35
CA GLN A 269 6.42 -27.33 -20.14
C GLN A 269 4.98 -26.81 -20.10
N ALA A 270 4.54 -26.34 -18.91
CA ALA A 270 3.21 -25.79 -18.75
C ALA A 270 3.05 -24.53 -19.61
N PHE A 271 4.06 -23.65 -19.64
CA PHE A 271 3.97 -22.46 -20.48
C PHE A 271 4.09 -22.74 -21.98
N GLU A 272 4.96 -23.66 -22.34
CA GLU A 272 5.00 -24.17 -23.72
C GLU A 272 3.66 -24.58 -24.23
N THR A 273 3.01 -25.48 -23.49
CA THR A 273 1.68 -25.97 -23.81
C THR A 273 0.69 -24.84 -24.02
N MET A 274 0.66 -23.89 -23.09
CA MET A 274 -0.13 -22.70 -23.27
C MET A 274 0.34 -21.85 -24.46
N PHE A 275 1.67 -21.60 -24.59
CA PHE A 275 2.21 -20.64 -25.62
C PHE A 275 1.91 -21.13 -27.08
N GLN A 276 1.73 -22.45 -27.22
CA GLN A 276 0.97 -23.03 -28.34
C GLN A 276 -0.42 -23.37 -27.78
N ALA B 2 -40.00 30.31 15.67
CA ALA B 2 -40.09 30.23 17.16
C ALA B 2 -41.55 30.09 17.52
N MET B 3 -41.85 28.97 18.16
CA MET B 3 -43.22 28.59 18.43
C MET B 3 -43.70 29.29 19.68
N ASP B 4 -45.02 29.41 19.82
CA ASP B 4 -45.63 29.99 21.03
C ASP B 4 -45.68 28.88 22.03
N PRO B 5 -45.18 29.12 23.27
CA PRO B 5 -45.12 28.07 24.25
C PRO B 5 -46.48 27.52 24.63
N SER B 6 -47.56 28.07 24.07
CA SER B 6 -48.86 27.37 24.14
C SER B 6 -49.14 26.32 23.09
N SER B 7 -48.94 26.63 21.82
CA SER B 7 -49.15 25.63 20.75
C SER B 7 -48.95 24.18 21.20
N PRO B 8 -49.93 23.32 20.87
CA PRO B 8 -49.85 21.89 21.16
C PRO B 8 -48.48 21.32 20.74
N ASN B 9 -48.01 21.79 19.60
CA ASN B 9 -46.88 21.19 18.93
C ASN B 9 -45.55 21.90 19.32
N TYR B 10 -45.43 22.41 20.56
CA TYR B 10 -44.24 23.19 20.91
C TYR B 10 -42.96 22.36 20.86
N ASP B 11 -41.97 22.91 20.17
CA ASP B 11 -40.62 22.32 20.11
C ASP B 11 -39.64 23.48 20.32
N LYS B 12 -38.92 23.40 21.42
CA LYS B 12 -38.03 24.53 21.84
C LYS B 12 -36.87 24.76 20.81
N TRP B 13 -36.70 23.81 19.90
CA TRP B 13 -35.51 23.84 19.00
C TRP B 13 -35.88 24.52 17.73
N GLU B 14 -37.19 24.61 17.45
CA GLU B 14 -37.61 25.30 16.23
C GLU B 14 -37.31 26.79 16.29
N MET B 15 -36.62 27.29 15.28
CA MET B 15 -36.34 28.71 15.20
C MET B 15 -36.83 29.38 13.92
N GLU B 16 -36.81 30.72 13.93
CA GLU B 16 -37.26 31.50 12.78
C GLU B 16 -36.13 31.55 11.79
N ARG B 17 -36.38 31.02 10.58
CA ARG B 17 -35.37 30.95 9.51
C ARG B 17 -34.84 32.33 9.17
N THR B 18 -35.74 33.34 9.23
CA THR B 18 -35.29 34.74 9.09
C THR B 18 -34.29 35.23 10.17
N ASP B 19 -34.12 34.52 11.30
CA ASP B 19 -33.04 34.84 12.25
C ASP B 19 -31.64 34.57 11.66
N ILE B 20 -31.59 33.75 10.60
CA ILE B 20 -30.31 33.32 10.00
C ILE B 20 -30.09 33.92 8.63
N THR B 21 -28.97 34.62 8.48
CA THR B 21 -28.47 35.03 7.17
C THR B 21 -27.58 33.95 6.54
N MET B 22 -28.05 33.39 5.43
CA MET B 22 -27.34 32.34 4.70
C MET B 22 -26.20 32.90 3.85
N LYS B 23 -25.03 32.28 3.95
CA LYS B 23 -23.89 32.70 3.15
C LYS B 23 -23.48 31.54 2.24
N HIS B 24 -22.20 31.45 1.93
CA HIS B 24 -21.72 30.53 0.90
C HIS B 24 -21.74 29.07 1.45
N LYS B 25 -21.83 28.06 0.58
CA LYS B 25 -21.51 26.69 1.02
C LYS B 25 -20.20 26.68 1.77
N LEU B 26 -20.19 25.88 2.82
CA LEU B 26 -19.07 25.71 3.71
C LEU B 26 -18.00 24.80 3.08
N GLY B 27 -16.74 25.08 3.40
CA GLY B 27 -15.60 24.20 3.04
C GLY B 27 -15.53 23.96 1.52
N GLY B 28 -15.89 24.97 0.74
CA GLY B 28 -15.87 24.84 -0.73
C GLY B 28 -16.71 23.71 -1.30
N GLY B 29 -17.69 23.26 -0.54
CA GLY B 29 -18.66 22.29 -1.06
C GLY B 29 -18.46 20.85 -0.63
N GLN B 30 -17.40 20.56 0.13
CA GLN B 30 -17.08 19.19 0.57
C GLN B 30 -18.00 18.57 1.63
N TYR B 31 -18.98 19.35 2.10
CA TYR B 31 -19.94 18.79 3.06
C TYR B 31 -21.33 18.65 2.45
N GLY B 32 -21.45 18.92 1.16
CA GLY B 32 -22.79 18.87 0.53
C GLY B 32 -23.53 20.16 0.83
N GLU B 33 -24.87 20.07 0.98
CA GLU B 33 -25.75 21.22 1.28
C GLU B 33 -25.58 21.78 2.71
N VAL B 34 -24.41 22.26 3.07
CA VAL B 34 -24.17 22.88 4.40
C VAL B 34 -23.53 24.23 4.13
N TYR B 35 -24.08 25.29 4.76
CA TYR B 35 -23.74 26.63 4.45
C TYR B 35 -23.30 27.37 5.70
N GLU B 36 -22.43 28.34 5.47
CA GLU B 36 -22.00 29.25 6.51
C GLU B 36 -23.20 30.16 6.78
N GLY B 37 -23.57 30.32 8.04
CA GLY B 37 -24.72 31.16 8.32
C GLY B 37 -24.34 32.17 9.38
N VAL B 38 -25.11 33.24 9.49
CA VAL B 38 -24.97 34.10 10.64
C VAL B 38 -26.28 34.19 11.39
N TRP B 39 -26.25 33.87 12.66
CA TRP B 39 -27.40 33.93 13.55
C TRP B 39 -27.42 35.38 14.08
N LYS B 40 -28.34 36.19 13.54
CA LYS B 40 -28.29 37.65 13.69
C LYS B 40 -28.32 38.12 15.15
N LYS B 41 -29.15 37.48 15.96
CA LYS B 41 -29.38 37.87 17.34
C LYS B 41 -28.12 37.75 18.21
N TYR B 42 -27.18 36.89 17.85
CA TYR B 42 -25.96 36.76 18.64
C TYR B 42 -24.74 37.20 17.80
N SER B 43 -24.98 37.72 16.60
CA SER B 43 -23.91 37.99 15.65
C SER B 43 -22.97 36.76 15.53
N LEU B 44 -23.56 35.56 15.47
CA LEU B 44 -22.81 34.30 15.62
C LEU B 44 -22.72 33.50 14.33
N THR B 45 -21.49 33.13 13.91
CA THR B 45 -21.32 32.34 12.69
C THR B 45 -21.77 30.94 13.08
N VAL B 46 -22.57 30.37 12.22
CA VAL B 46 -23.09 29.03 12.40
C VAL B 46 -22.97 28.20 11.14
N ALA B 47 -23.22 26.92 11.29
CA ALA B 47 -23.25 26.01 10.17
C ALA B 47 -24.69 25.54 10.01
N VAL B 48 -25.16 25.49 8.78
CA VAL B 48 -26.60 25.22 8.52
C VAL B 48 -26.74 24.19 7.45
N LYS B 49 -27.22 23.02 7.81
CA LYS B 49 -27.44 21.96 6.81
C LYS B 49 -28.86 22.07 6.29
N THR B 50 -29.04 21.95 4.97
CA THR B 50 -30.38 22.11 4.33
C THR B 50 -30.71 20.97 3.35
N LEU B 51 -31.95 20.88 2.81
CA LEU B 51 -32.28 19.81 1.81
C LEU B 51 -32.29 20.26 0.33
N THR B 55 -35.94 16.81 -3.73
CA THR B 55 -35.34 15.92 -2.73
C THR B 55 -36.37 14.96 -2.08
N MET B 56 -35.91 13.76 -1.70
CA MET B 56 -36.73 12.82 -0.93
C MET B 56 -35.90 12.04 0.14
N GLU B 57 -34.92 12.73 0.73
CA GLU B 57 -34.22 12.28 1.95
C GLU B 57 -34.88 12.86 3.22
N VAL B 58 -36.16 13.20 3.14
CA VAL B 58 -36.80 13.98 4.20
C VAL B 58 -36.89 13.26 5.54
N GLU B 59 -37.22 11.95 5.52
CA GLU B 59 -37.34 11.18 6.76
C GLU B 59 -35.99 10.97 7.47
N GLU B 60 -34.92 10.83 6.70
CA GLU B 60 -33.60 10.63 7.32
C GLU B 60 -33.14 11.95 7.93
N PHE B 61 -33.50 13.04 7.25
CA PHE B 61 -33.10 14.39 7.65
C PHE B 61 -33.81 14.68 8.98
N LEU B 62 -35.10 14.34 9.05
CA LEU B 62 -35.86 14.49 10.28
C LEU B 62 -35.36 13.58 11.38
N LYS B 63 -34.98 12.35 11.02
CA LYS B 63 -34.44 11.43 12.01
C LYS B 63 -33.13 11.98 12.59
N GLU B 64 -32.33 12.61 11.71
CA GLU B 64 -31.03 13.17 12.18
C GLU B 64 -31.32 14.36 13.13
N ALA B 65 -32.22 15.25 12.75
CA ALA B 65 -32.62 16.37 13.67
C ALA B 65 -33.13 15.81 15.03
N ALA B 66 -33.92 14.74 14.99
CA ALA B 66 -34.43 14.13 16.23
C ALA B 66 -33.36 13.55 17.14
N VAL B 67 -32.36 12.87 16.55
CA VAL B 67 -31.27 12.29 17.35
C VAL B 67 -30.44 13.44 18.00
N MET B 68 -30.21 14.51 17.21
CA MET B 68 -29.32 15.57 17.67
C MET B 68 -29.91 16.25 18.87
N LYS B 69 -31.27 16.24 18.92
CA LYS B 69 -31.95 16.81 20.11
C LYS B 69 -31.70 16.01 21.35
N GLU B 70 -31.29 14.75 21.19
CA GLU B 70 -31.08 13.85 22.33
C GLU B 70 -29.62 13.86 22.87
N ILE B 71 -28.72 14.52 22.16
CA ILE B 71 -27.32 14.43 22.59
C ILE B 71 -26.74 15.79 22.89
N LYS B 72 -26.02 15.81 23.99
CA LYS B 72 -25.34 16.99 24.44
C LYS B 72 -24.05 16.60 25.15
N HIS B 73 -22.89 17.09 24.67
CA HIS B 73 -21.61 16.70 25.30
C HIS B 73 -20.62 17.79 24.85
N PRO B 74 -19.60 18.14 25.66
CA PRO B 74 -18.64 19.17 25.27
C PRO B 74 -17.82 18.77 24.01
N ASN B 75 -17.76 17.48 23.71
CA ASN B 75 -16.97 17.01 22.49
C ASN B 75 -17.83 16.38 21.42
N LEU B 76 -19.14 16.71 21.42
CA LEU B 76 -20.04 16.45 20.25
C LEU B 76 -20.52 17.76 19.71
N VAL B 77 -20.49 17.92 18.39
CA VAL B 77 -20.91 19.16 17.77
C VAL B 77 -22.33 19.60 18.32
N GLN B 78 -22.42 20.87 18.72
CA GLN B 78 -23.63 21.37 19.50
C GLN B 78 -24.73 21.80 18.54
N LEU B 79 -25.88 21.14 18.62
CA LEU B 79 -27.09 21.58 17.88
C LEU B 79 -27.49 22.93 18.51
N LEU B 80 -27.86 23.90 17.65
CA LEU B 80 -28.37 25.19 18.13
C LEU B 80 -29.87 25.37 17.86
N GLY B 81 -30.37 24.77 16.79
CA GLY B 81 -31.82 24.91 16.43
C GLY B 81 -32.14 24.15 15.14
N VAL B 82 -33.41 24.13 14.76
CA VAL B 82 -33.82 23.53 13.49
C VAL B 82 -34.90 24.44 12.86
N CYS B 83 -35.12 24.26 11.57
CA CYS B 83 -36.31 24.85 10.89
C CYS B 83 -36.89 23.72 10.14
N THR B 84 -37.84 23.04 10.78
CA THR B 84 -38.41 21.85 10.13
C THR B 84 -39.96 21.90 10.01
N ARG B 85 -40.54 23.10 10.03
CA ARG B 85 -41.99 23.16 9.94
C ARG B 85 -42.47 23.32 8.50
N GLU B 86 -41.60 23.86 7.65
CA GLU B 86 -41.82 23.96 6.21
C GLU B 86 -40.48 24.03 5.47
N PRO B 87 -40.44 23.60 4.17
CA PRO B 87 -39.21 23.68 3.35
C PRO B 87 -38.71 25.11 3.11
N PRO B 88 -37.40 25.26 2.84
CA PRO B 88 -36.39 24.20 2.94
C PRO B 88 -35.97 24.01 4.41
N PHE B 89 -35.85 22.75 4.82
CA PHE B 89 -35.54 22.38 6.22
C PHE B 89 -34.07 22.74 6.55
N TYR B 90 -33.82 23.19 7.79
CA TYR B 90 -32.45 23.50 8.26
C TYR B 90 -32.15 22.67 9.51
N ILE B 91 -30.88 22.26 9.67
CA ILE B 91 -30.36 21.91 11.00
C ILE B 91 -29.16 22.84 11.26
N ILE B 92 -29.19 23.54 12.40
CA ILE B 92 -28.21 24.60 12.70
C ILE B 92 -27.29 24.14 13.83
N THR B 93 -25.97 24.13 13.59
CA THR B 93 -25.10 23.83 14.69
C THR B 93 -24.06 24.98 14.86
N GLU B 94 -23.29 24.94 15.95
CA GLU B 94 -22.10 25.79 16.05
C GLU B 94 -21.16 25.61 14.76
N PHE B 95 -20.43 26.68 14.42
CA PHE B 95 -19.35 26.69 13.42
C PHE B 95 -18.02 26.56 14.22
N MET B 96 -17.15 25.64 13.78
CA MET B 96 -15.92 25.37 14.53
C MET B 96 -14.77 25.97 13.70
N THR B 97 -14.02 26.88 14.32
CA THR B 97 -13.18 27.84 13.62
C THR B 97 -12.18 27.19 12.66
N TYR B 98 -11.56 26.11 13.10
CA TYR B 98 -10.50 25.51 12.25
C TYR B 98 -10.93 24.35 11.34
N GLY B 99 -12.23 24.04 11.26
CA GLY B 99 -12.67 23.12 10.22
C GLY B 99 -12.39 21.67 10.61
N ASN B 100 -12.37 20.77 9.60
CA ASN B 100 -12.29 19.34 9.96
C ASN B 100 -10.88 18.91 10.42
N LEU B 101 -10.85 17.91 11.28
CA LEU B 101 -9.63 17.50 11.93
C LEU B 101 -8.60 16.95 10.91
N LEU B 102 -9.08 16.21 9.88
CA LEU B 102 -8.16 15.65 8.89
C LEU B 102 -7.29 16.75 8.23
N ASP B 103 -7.91 17.73 7.63
CA ASP B 103 -7.17 18.81 6.98
C ASP B 103 -6.40 19.62 8.04
N TYR B 104 -6.92 19.76 9.23
CA TYR B 104 -6.21 20.52 10.25
C TYR B 104 -4.87 19.86 10.57
N LEU B 105 -4.87 18.53 10.79
CA LEU B 105 -3.66 17.78 11.11
C LEU B 105 -2.66 17.91 9.94
N ARG B 106 -3.17 17.84 8.72
CA ARG B 106 -2.27 17.88 7.53
C ARG B 106 -1.68 19.28 7.34
N GLU B 107 -2.45 20.31 7.65
CA GLU B 107 -2.03 21.70 7.42
C GLU B 107 -1.34 22.38 8.62
N CYS B 108 -1.30 21.69 9.76
CA CYS B 108 -0.92 22.40 10.96
C CYS B 108 0.59 22.72 11.14
N ASN B 109 0.87 23.58 12.09
CA ASN B 109 2.27 23.79 12.53
C ASN B 109 2.57 22.71 13.63
N ARG B 110 3.36 21.67 13.31
CA ARG B 110 3.64 20.54 14.24
C ARG B 110 4.38 20.91 15.55
N GLN B 111 5.02 22.09 15.59
CA GLN B 111 5.62 22.61 16.81
C GLN B 111 4.55 23.08 17.78
N GLU B 112 3.46 23.63 17.25
CA GLU B 112 2.23 23.96 18.04
C GLU B 112 1.38 22.73 18.38
N VAL B 113 1.04 21.98 17.33
CA VAL B 113 0.20 20.76 17.53
C VAL B 113 1.16 19.63 17.82
N SER B 114 1.74 19.67 19.02
CA SER B 114 2.81 18.77 19.40
C SER B 114 2.25 17.47 19.97
N ALA B 115 3.14 16.56 20.40
CA ALA B 115 2.69 15.27 20.98
C ALA B 115 1.64 15.40 22.08
N VAL B 116 1.82 16.35 22.99
CA VAL B 116 0.80 16.47 24.03
C VAL B 116 -0.56 16.93 23.46
N VAL B 117 -0.54 17.75 22.42
CA VAL B 117 -1.79 18.16 21.80
C VAL B 117 -2.47 16.89 21.14
N LEU B 118 -1.69 16.05 20.50
CA LEU B 118 -2.32 14.77 19.93
C LEU B 118 -2.98 13.99 21.01
N LEU B 119 -2.30 13.84 22.15
CA LEU B 119 -2.90 13.17 23.26
C LEU B 119 -4.20 13.81 23.65
N TYR B 120 -4.22 15.15 23.83
CA TYR B 120 -5.46 15.88 24.21
C TYR B 120 -6.61 15.66 23.18
N MET B 121 -6.28 15.70 21.86
CA MET B 121 -7.29 15.43 20.81
C MET B 121 -7.92 14.03 20.94
N ALA B 122 -7.09 13.05 21.14
CA ALA B 122 -7.51 11.65 21.29
C ALA B 122 -8.36 11.48 22.53
N THR B 123 -7.98 12.18 23.58
CA THR B 123 -8.74 12.05 24.83
C THR B 123 -10.10 12.67 24.67
N GLN B 124 -10.15 13.80 24.02
CA GLN B 124 -11.45 14.49 23.82
C GLN B 124 -12.40 13.63 22.98
N ILE B 125 -11.86 13.01 21.90
CA ILE B 125 -12.72 12.13 21.12
C ILE B 125 -13.21 10.92 21.93
N SER B 126 -12.33 10.33 22.75
CA SER B 126 -12.70 9.14 23.50
C SER B 126 -13.80 9.55 24.52
N SER B 127 -13.72 10.78 25.00
CA SER B 127 -14.83 11.29 25.94
C SER B 127 -16.19 11.34 25.22
N ALA B 128 -16.25 11.89 24.01
CA ALA B 128 -17.48 11.95 23.21
C ALA B 128 -18.01 10.53 22.97
N MET B 129 -17.08 9.64 22.70
CA MET B 129 -17.53 8.28 22.34
C MET B 129 -17.99 7.47 23.60
N GLU B 130 -17.34 7.74 24.72
CA GLU B 130 -17.78 7.15 25.97
C GLU B 130 -19.24 7.62 26.27
N TYR B 131 -19.54 8.85 25.96
CA TYR B 131 -20.91 9.41 26.13
C TYR B 131 -21.87 8.69 25.17
N LEU B 132 -21.50 8.54 23.86
CA LEU B 132 -22.38 7.83 22.94
C LEU B 132 -22.65 6.38 23.37
N GLU B 133 -21.61 5.73 23.89
CA GLU B 133 -21.65 4.36 24.34
C GLU B 133 -22.64 4.29 25.54
N LYS B 134 -22.55 5.22 26.45
CA LYS B 134 -23.47 5.26 27.63
C LYS B 134 -24.92 5.53 27.20
N LYS B 135 -25.12 6.37 26.18
CA LYS B 135 -26.46 6.66 25.65
C LYS B 135 -27.04 5.61 24.70
N ASN B 136 -26.29 4.52 24.51
CA ASN B 136 -26.64 3.45 23.53
C ASN B 136 -26.80 3.90 22.11
N PHE B 137 -26.00 4.89 21.66
CA PHE B 137 -26.03 5.27 20.29
C PHE B 137 -24.78 4.63 19.58
N ILE B 138 -24.85 4.52 18.29
CA ILE B 138 -23.67 4.03 17.53
C ILE B 138 -23.36 5.13 16.51
N HIS B 139 -22.07 5.41 16.27
CA HIS B 139 -21.76 6.55 15.38
C HIS B 139 -21.85 6.06 13.91
N ARG B 140 -21.14 4.97 13.62
CA ARG B 140 -21.14 4.20 12.33
C ARG B 140 -20.18 4.72 11.30
N ASP B 141 -19.61 5.90 11.51
CA ASP B 141 -18.65 6.41 10.54
C ASP B 141 -17.60 7.30 11.26
N LEU B 142 -16.97 6.80 12.27
CA LEU B 142 -15.99 7.65 13.04
C LEU B 142 -14.65 7.67 12.25
N ALA B 143 -14.15 8.88 12.02
CA ALA B 143 -12.86 9.10 11.22
C ALA B 143 -12.50 10.57 11.44
N ALA B 144 -11.23 10.94 11.17
CA ALA B 144 -10.85 12.36 11.32
C ALA B 144 -11.61 13.31 10.46
N ARG B 145 -12.05 12.84 9.29
CA ARG B 145 -12.86 13.65 8.40
C ARG B 145 -14.25 14.05 9.02
N ASN B 146 -14.66 13.31 10.05
CA ASN B 146 -15.98 13.61 10.72
C ASN B 146 -15.74 14.26 12.08
N CYS B 147 -14.56 14.85 12.27
CA CYS B 147 -14.33 15.65 13.53
C CYS B 147 -13.96 17.08 13.18
N LEU B 148 -14.23 18.00 14.15
CA LEU B 148 -14.03 19.44 13.93
C LEU B 148 -13.11 19.96 15.02
N VAL B 149 -12.41 21.06 14.70
CA VAL B 149 -11.41 21.66 15.56
C VAL B 149 -11.79 23.11 15.76
N GLY B 150 -11.79 23.50 17.03
CA GLY B 150 -12.05 24.88 17.40
C GLY B 150 -10.86 25.53 18.06
N GLU B 151 -11.11 26.62 18.79
CA GLU B 151 -10.06 27.27 19.53
C GLU B 151 -9.41 26.40 20.55
N ASN B 152 -8.15 26.69 20.82
CA ASN B 152 -7.40 26.00 21.90
C ASN B 152 -7.40 24.48 21.75
N HIS B 153 -7.27 24.02 20.50
CA HIS B 153 -7.35 22.60 20.17
C HIS B 153 -8.56 21.84 20.71
N LEU B 154 -9.70 22.52 20.81
CA LEU B 154 -10.91 21.81 21.18
C LEU B 154 -11.29 20.92 19.96
N VAL B 155 -11.68 19.69 20.24
CA VAL B 155 -12.08 18.80 19.16
C VAL B 155 -13.48 18.26 19.46
N LYS B 156 -14.35 18.26 18.44
CA LYS B 156 -15.63 17.65 18.59
C LYS B 156 -15.92 16.61 17.50
N VAL B 157 -16.62 15.57 17.92
CA VAL B 157 -17.09 14.50 16.95
C VAL B 157 -18.34 14.97 16.29
N ALA B 158 -18.42 14.75 14.97
CA ALA B 158 -19.61 15.09 14.19
C ALA B 158 -19.96 13.89 13.31
N ASP B 159 -21.04 14.03 12.51
CA ASP B 159 -21.34 13.05 11.45
C ASP B 159 -21.92 13.81 10.27
N PHE B 160 -21.10 14.02 9.22
CA PHE B 160 -21.51 14.86 8.10
C PHE B 160 -22.20 14.07 6.96
N GLY B 161 -22.45 12.77 7.18
CA GLY B 161 -23.11 11.91 6.17
C GLY B 161 -22.28 11.87 4.90
N LEU B 162 -21.00 11.57 5.01
CA LEU B 162 -20.05 11.83 3.95
C LEU B 162 -20.12 10.68 2.90
N SER B 163 -20.74 9.57 3.24
CA SER B 163 -20.72 8.46 2.26
C SER B 163 -21.53 8.90 0.98
N ARG B 164 -22.54 9.75 1.20
CA ARG B 164 -23.38 10.35 0.14
C ARG B 164 -22.62 11.28 -0.83
N LEU B 165 -21.55 11.91 -0.36
CA LEU B 165 -20.92 13.03 -1.03
C LEU B 165 -19.58 12.65 -1.67
N MET B 166 -18.69 12.08 -0.85
CA MET B 166 -17.34 11.79 -1.28
C MET B 166 -17.37 10.76 -2.41
N THR B 167 -16.99 11.21 -3.60
CA THR B 167 -17.00 10.30 -4.75
C THR B 167 -15.59 10.22 -5.28
N GLY B 168 -14.80 9.55 -4.44
CA GLY B 168 -13.41 9.20 -4.60
C GLY B 168 -13.21 7.87 -3.88
N ASP B 169 -12.04 7.75 -3.25
CA ASP B 169 -11.58 6.45 -2.92
C ASP B 169 -11.82 6.11 -1.43
N THR B 170 -12.32 7.10 -0.68
CA THR B 170 -12.50 6.88 0.77
C THR B 170 -13.66 5.92 1.03
N TYR B 171 -14.75 6.05 0.27
CA TYR B 171 -15.89 5.11 0.42
C TYR B 171 -16.04 4.25 -0.82
N THR B 172 -16.37 2.98 -0.63
CA THR B 172 -16.42 2.06 -1.76
C THR B 172 -17.82 1.47 -1.78
N ALA B 173 -18.43 1.48 -2.97
CA ALA B 173 -19.81 1.02 -3.08
C ALA B 173 -19.70 -0.49 -3.11
N HIS B 174 -20.61 -1.17 -2.41
CA HIS B 174 -20.76 -2.65 -2.51
C HIS B 174 -22.20 -3.08 -2.34
N ALA B 175 -22.80 -3.60 -3.43
CA ALA B 175 -24.16 -4.13 -3.35
C ALA B 175 -25.14 -3.15 -2.63
N GLY B 176 -25.19 -1.89 -3.07
CA GLY B 176 -26.19 -0.95 -2.53
C GLY B 176 -25.80 -0.15 -1.29
N ALA B 177 -24.67 -0.52 -0.67
CA ALA B 177 -24.16 0.18 0.51
C ALA B 177 -22.84 0.87 0.13
N LYS B 178 -22.36 1.82 0.96
CA LYS B 178 -21.04 2.39 0.69
C LYS B 178 -20.31 2.27 2.03
N PHE B 179 -19.05 1.82 2.03
CA PHE B 179 -18.28 1.65 3.27
C PHE B 179 -16.95 2.36 3.11
N PRO B 180 -16.47 3.00 4.19
CA PRO B 180 -15.10 3.48 4.15
C PRO B 180 -14.26 2.28 4.60
N ILE B 181 -13.86 1.41 3.65
CA ILE B 181 -13.28 0.15 3.97
C ILE B 181 -12.16 0.19 5.02
N LYS B 182 -11.25 1.16 4.90
CA LYS B 182 -10.08 1.15 5.75
C LYS B 182 -10.41 1.61 7.19
N TRP B 183 -11.65 2.02 7.46
CA TRP B 183 -12.08 2.34 8.84
C TRP B 183 -13.07 1.29 9.37
N THR B 184 -13.45 0.33 8.55
CA THR B 184 -14.64 -0.47 8.89
C THR B 184 -14.23 -1.79 9.51
N ALA B 185 -14.89 -2.16 10.64
CA ALA B 185 -14.52 -3.33 11.37
C ALA B 185 -14.83 -4.59 10.46
N PRO B 186 -14.07 -5.65 10.66
CA PRO B 186 -14.23 -6.89 9.78
C PRO B 186 -15.68 -7.44 9.81
N GLU B 187 -16.30 -7.46 10.99
CA GLU B 187 -17.67 -8.00 11.07
C GLU B 187 -18.70 -7.08 10.38
N SER B 188 -18.40 -5.76 10.29
CA SER B 188 -19.18 -4.80 9.55
C SER B 188 -19.04 -4.99 8.07
N LEU B 189 -17.80 -5.21 7.63
CA LEU B 189 -17.57 -5.59 6.24
C LEU B 189 -18.21 -6.96 5.87
N ALA B 190 -18.04 -7.95 6.72
CA ALA B 190 -18.55 -9.34 6.40
C ALA B 190 -20.04 -9.52 6.58
N TYR B 191 -20.59 -8.99 7.68
CA TYR B 191 -21.96 -9.37 8.10
C TYR B 191 -22.87 -8.17 8.20
N ASN B 192 -22.45 -7.03 7.63
CA ASN B 192 -23.07 -5.74 7.88
C ASN B 192 -23.47 -5.47 9.36
N LYS B 193 -22.74 -6.04 10.31
CA LYS B 193 -23.05 -5.82 11.73
C LYS B 193 -22.32 -4.54 12.20
N PHE B 194 -23.05 -3.47 12.57
CA PHE B 194 -22.44 -2.25 13.20
C PHE B 194 -22.87 -2.13 14.66
N SER B 195 -21.93 -1.76 15.53
CA SER B 195 -22.18 -1.73 16.98
C SER B 195 -21.25 -0.69 17.57
N ILE B 196 -21.32 -0.54 18.87
CA ILE B 196 -20.39 0.34 19.54
C ILE B 196 -18.99 -0.29 19.39
N LYS B 197 -18.90 -1.62 19.26
CA LYS B 197 -17.59 -2.22 19.10
C LYS B 197 -17.00 -1.99 17.67
N SER B 198 -17.83 -1.89 16.67
CA SER B 198 -17.32 -1.50 15.33
C SER B 198 -16.89 0.01 15.41
N ASP B 199 -17.49 0.81 16.28
CA ASP B 199 -17.00 2.18 16.50
C ASP B 199 -15.65 2.16 17.14
N VAL B 200 -15.44 1.24 18.08
CA VAL B 200 -14.16 1.12 18.74
C VAL B 200 -13.05 0.83 17.71
N TRP B 201 -13.34 -0.15 16.83
CA TRP B 201 -12.36 -0.46 15.74
C TRP B 201 -11.98 0.86 14.92
N ALA B 202 -13.00 1.59 14.49
CA ALA B 202 -12.81 2.86 13.70
C ALA B 202 -12.07 3.88 14.53
N PHE B 203 -12.37 3.93 15.83
CA PHE B 203 -11.56 4.83 16.71
C PHE B 203 -10.09 4.51 16.68
N GLY B 204 -9.78 3.22 16.60
CA GLY B 204 -8.31 2.76 16.56
C GLY B 204 -7.67 3.36 15.27
N VAL B 205 -8.42 3.38 14.17
CA VAL B 205 -7.93 3.90 12.90
C VAL B 205 -7.81 5.42 13.05
N LEU B 206 -8.83 6.07 13.68
CA LEU B 206 -8.76 7.55 13.89
C LEU B 206 -7.56 7.89 14.77
N LEU B 207 -7.19 7.06 15.73
CA LEU B 207 -5.97 7.33 16.56
C LEU B 207 -4.67 7.30 15.68
N TRP B 208 -4.65 6.34 14.76
CA TRP B 208 -3.53 6.28 13.76
C TRP B 208 -3.54 7.49 12.84
N GLU B 209 -4.71 7.97 12.43
CA GLU B 209 -4.70 9.24 11.66
C GLU B 209 -4.13 10.41 12.50
N ILE B 210 -4.53 10.46 13.77
CA ILE B 210 -4.02 11.51 14.64
C ILE B 210 -2.48 11.38 14.78
N ALA B 211 -2.04 10.17 15.07
CA ALA B 211 -0.58 9.93 15.34
C ALA B 211 0.29 10.24 14.10
N THR B 212 -0.26 10.19 12.90
CA THR B 212 0.49 10.39 11.65
C THR B 212 0.20 11.77 11.05
N TYR B 213 -0.46 12.68 11.78
CA TYR B 213 -0.86 13.96 11.25
C TYR B 213 -1.60 13.82 9.94
N GLY B 214 -2.51 12.82 9.91
CA GLY B 214 -3.54 12.81 8.87
C GLY B 214 -3.10 11.98 7.64
N MET B 215 -2.20 11.01 7.82
CA MET B 215 -1.93 10.12 6.69
C MET B 215 -3.11 9.26 6.38
N SER B 216 -3.22 8.82 5.12
CA SER B 216 -4.29 7.82 4.79
C SER B 216 -3.88 6.45 5.35
N PRO B 217 -4.81 5.73 6.00
CA PRO B 217 -4.48 4.47 6.62
C PRO B 217 -4.16 3.41 5.54
N TYR B 218 -3.44 2.39 5.97
CA TYR B 218 -2.94 1.26 5.08
C TYR B 218 -2.41 1.91 3.80
N PRO B 219 -1.45 2.85 3.93
CA PRO B 219 -1.13 3.60 2.73
C PRO B 219 -0.52 2.69 1.66
N GLY B 220 -1.03 2.77 0.41
CA GLY B 220 -0.48 1.92 -0.68
C GLY B 220 -1.03 0.53 -0.76
N ILE B 221 -1.86 0.14 0.19
CA ILE B 221 -2.50 -1.18 0.17
C ILE B 221 -3.81 -1.14 -0.62
N ASP B 222 -4.00 -2.00 -1.62
N ASP B 222 -4.01 -2.03 -1.58
CA ASP B 222 -5.28 -2.00 -2.36
CA ASP B 222 -5.28 -2.04 -2.32
C ASP B 222 -6.46 -2.35 -1.46
C ASP B 222 -6.48 -2.40 -1.46
N LEU B 223 -7.58 -1.68 -1.71
CA LEU B 223 -8.83 -1.92 -0.98
C LEU B 223 -9.26 -3.38 -1.02
N SER B 224 -9.01 -4.05 -2.15
CA SER B 224 -9.43 -5.43 -2.26
C SER B 224 -8.69 -6.33 -1.27
N GLN B 225 -7.48 -5.92 -0.79
CA GLN B 225 -6.70 -6.77 0.07
C GLN B 225 -6.96 -6.55 1.60
N VAL B 226 -7.70 -5.50 1.93
CA VAL B 226 -7.75 -5.12 3.39
C VAL B 226 -8.34 -6.18 4.29
N TYR B 227 -9.57 -6.65 3.97
CA TYR B 227 -10.16 -7.71 4.75
C TYR B 227 -9.27 -8.92 4.92
N GLU B 228 -8.77 -9.39 3.78
CA GLU B 228 -7.97 -10.63 3.74
C GLU B 228 -6.71 -10.49 4.61
N LEU B 229 -6.06 -9.34 4.49
CA LEU B 229 -4.90 -9.01 5.33
C LEU B 229 -5.23 -9.01 6.81
N LEU B 230 -6.32 -8.28 7.14
CA LEU B 230 -6.79 -8.30 8.55
C LEU B 230 -7.13 -9.68 9.12
N GLU B 231 -7.82 -10.50 8.34
CA GLU B 231 -8.13 -11.91 8.71
C GLU B 231 -6.87 -12.74 8.97
N LYS B 232 -5.76 -12.39 8.27
CA LYS B 232 -4.42 -13.01 8.41
C LYS B 232 -3.49 -12.29 9.40
N ASP B 233 -4.11 -11.46 10.24
CA ASP B 233 -3.50 -10.81 11.38
C ASP B 233 -2.60 -9.62 11.06
N TYR B 234 -2.66 -9.12 9.84
CA TYR B 234 -1.91 -7.88 9.52
C TYR B 234 -2.54 -6.72 10.25
N ARG B 235 -1.68 -5.86 10.75
CA ARG B 235 -2.20 -4.57 11.35
C ARG B 235 -1.19 -3.49 11.05
N MET B 236 -1.68 -2.25 10.90
CA MET B 236 -0.77 -1.11 10.73
C MET B 236 0.31 -1.04 11.83
N GLU B 237 1.51 -0.65 11.43
CA GLU B 237 2.65 -0.58 12.37
C GLU B 237 2.54 0.73 13.19
N ARG B 238 3.29 0.76 14.29
CA ARG B 238 3.37 1.96 15.10
C ARG B 238 3.93 3.19 14.35
N PRO B 239 3.15 4.26 14.31
CA PRO B 239 3.58 5.52 13.72
C PRO B 239 4.82 6.08 14.43
N GLU B 240 5.64 6.77 13.67
CA GLU B 240 6.74 7.53 14.24
C GLU B 240 6.30 8.47 15.35
N GLY B 241 7.02 8.39 16.47
CA GLY B 241 6.70 9.19 17.65
C GLY B 241 5.46 8.80 18.41
N CYS B 242 4.74 7.74 18.00
CA CYS B 242 3.57 7.32 18.77
C CYS B 242 4.03 6.57 20.04
N PRO B 243 3.56 6.99 21.25
CA PRO B 243 4.00 6.28 22.46
C PRO B 243 3.56 4.82 22.42
N GLU B 244 4.38 3.92 22.99
CA GLU B 244 3.96 2.48 23.06
C GLU B 244 2.58 2.26 23.68
N LYS B 245 2.23 2.93 24.77
CA LYS B 245 0.92 2.63 25.37
C LYS B 245 -0.22 3.10 24.49
N VAL B 246 0.01 4.15 23.71
CA VAL B 246 -0.99 4.57 22.73
C VAL B 246 -1.14 3.50 21.60
N TYR B 247 -0.04 3.05 21.07
CA TYR B 247 -0.10 2.00 20.02
C TYR B 247 -0.71 0.71 20.55
N GLU B 248 -0.41 0.36 21.82
CA GLU B 248 -1.15 -0.76 22.47
C GLU B 248 -2.65 -0.61 22.48
N LEU B 249 -3.13 0.62 22.74
CA LEU B 249 -4.53 0.92 22.71
C LEU B 249 -5.09 0.76 21.30
N MET B 250 -4.38 1.26 20.25
CA MET B 250 -4.85 1.03 18.86
C MET B 250 -5.01 -0.43 18.59
N ARG B 251 -3.99 -1.22 18.94
CA ARG B 251 -4.01 -2.68 18.71
C ARG B 251 -5.17 -3.39 19.41
N ALA B 252 -5.55 -2.89 20.61
CA ALA B 252 -6.66 -3.48 21.33
C ALA B 252 -7.98 -3.15 20.61
N CYS B 253 -8.06 -1.95 20.01
CA CYS B 253 -9.22 -1.55 19.28
C CYS B 253 -9.39 -2.44 18.02
N TRP B 254 -8.27 -2.96 17.55
CA TRP B 254 -8.27 -3.84 16.34
C TRP B 254 -8.28 -5.32 16.60
N GLN B 255 -8.72 -5.74 17.79
CA GLN B 255 -8.94 -7.18 18.05
C GLN B 255 -9.97 -7.69 17.03
N TRP B 256 -9.70 -8.88 16.46
CA TRP B 256 -10.62 -9.40 15.48
C TRP B 256 -12.03 -9.61 16.04
N ASN B 257 -12.14 -10.16 17.25
CA ASN B 257 -13.46 -10.44 17.83
C ASN B 257 -13.94 -9.18 18.57
N PRO B 258 -15.11 -8.66 18.18
CA PRO B 258 -15.62 -7.36 18.80
C PRO B 258 -15.69 -7.39 20.29
N SER B 259 -16.04 -8.56 20.85
CA SER B 259 -16.19 -8.66 22.30
C SER B 259 -14.83 -8.52 23.06
N ASP B 260 -13.70 -8.75 22.38
CA ASP B 260 -12.37 -8.59 22.95
C ASP B 260 -11.85 -7.15 22.92
N ARG B 261 -12.58 -6.23 22.25
CA ARG B 261 -12.09 -4.87 22.15
C ARG B 261 -12.54 -4.12 23.43
N PRO B 262 -11.80 -3.08 23.80
CA PRO B 262 -12.16 -2.32 25.03
C PRO B 262 -13.36 -1.47 24.86
N SER B 263 -14.06 -1.16 25.95
CA SER B 263 -15.17 -0.18 25.82
C SER B 263 -14.57 1.25 25.72
N PHE B 264 -15.36 2.23 25.25
CA PHE B 264 -14.91 3.59 25.24
C PHE B 264 -14.73 4.15 26.66
N ALA B 265 -15.53 3.65 27.61
CA ALA B 265 -15.23 4.00 29.02
C ALA B 265 -13.76 3.63 29.41
N GLU B 266 -13.37 2.38 29.12
CA GLU B 266 -12.01 1.94 29.37
C GLU B 266 -10.92 2.71 28.60
N ILE B 267 -11.20 2.99 27.32
CA ILE B 267 -10.24 3.73 26.51
C ILE B 267 -10.06 5.18 27.08
N HIS B 268 -11.18 5.82 27.39
CA HIS B 268 -11.15 7.20 27.94
C HIS B 268 -10.35 7.23 29.28
N GLN B 269 -10.61 6.27 30.13
CA GLN B 269 -9.87 6.14 31.38
C GLN B 269 -8.38 5.96 31.14
N ALA B 270 -8.01 5.14 30.14
CA ALA B 270 -6.59 4.95 29.83
C ALA B 270 -5.93 6.25 29.39
N PHE B 271 -6.63 7.03 28.59
CA PHE B 271 -6.09 8.32 28.10
C PHE B 271 -6.02 9.37 29.21
N GLU B 272 -7.06 9.44 30.04
CA GLU B 272 -7.06 10.34 31.20
C GLU B 272 -5.85 10.10 32.08
N THR B 273 -5.59 8.85 32.37
CA THR B 273 -4.38 8.41 33.10
C THR B 273 -3.04 8.82 32.44
N MET B 274 -2.94 8.65 31.13
CA MET B 274 -1.77 9.23 30.47
C MET B 274 -1.84 10.76 30.53
N PHE B 275 -2.98 11.35 30.10
CA PHE B 275 -3.19 12.84 29.96
C PHE B 275 -2.93 13.63 31.24
N GLN B 276 -3.17 12.97 32.38
CA GLN B 276 -2.75 13.42 33.72
C GLN B 276 -1.26 13.57 33.78
#